data_4Z4K
#
_entry.id   4Z4K
#
_cell.length_a   56.885
_cell.length_b   83.334
_cell.length_c   128.496
_cell.angle_alpha   90.00
_cell.angle_beta   90.00
_cell.angle_gamma   90.00
#
_symmetry.space_group_name_H-M   'P 21 21 21'
#
loop_
_entity.id
_entity.type
_entity.pdbx_description
1 polymer 'Green fluorescent protein,Tax1-binding protein 1'
2 non-polymer 'ZINC ION'
3 water water
#
_entity_poly.entity_id   1
_entity_poly.type   'polypeptide(L)'
_entity_poly.pdbx_seq_one_letter_code
;GSHMSKGEELFTGVVPILVELDGDVNGHKFSVSGEGEGDATYGKLTLKFICTTGKLPVPWPTLVTTF(CR2)VQCFARYP
DHMKQHDFFKSAMPEGYVQERTIFFKDDGNYKTRAEVKFEGDTLVNRIELKGIDFKEDGNILGHKLEYNYNSHNVYIMAD
KQKNGIKVNFKIRHNIEDGSVQLADHYQQNTPIGDGPVLLPDNHYLSTQSALSKDPNEKRDHMVLLEFVTAAGITGSDVH
KKCPLCELMFPPNYDQSKFEEHVESHWKVCPMCSEQFPPDYDQQVFERHVQTHF
;
_entity_poly.pdbx_strand_id   A,B
#
# COMPACT_ATOMS: atom_id res chain seq x y z
N SER A 5 13.96 0.55 27.77
CA SER A 5 15.09 1.53 27.65
C SER A 5 14.58 2.97 27.77
N LYS A 6 15.50 3.93 27.71
CA LYS A 6 15.27 5.27 28.21
C LYS A 6 14.24 6.01 27.33
N GLY A 7 14.61 6.27 26.09
CA GLY A 7 13.81 7.13 25.21
C GLY A 7 12.56 6.44 24.71
N GLU A 8 12.57 5.11 24.72
CA GLU A 8 11.39 4.37 24.30
C GLU A 8 10.23 4.46 25.28
N GLU A 9 10.48 4.98 26.48
CA GLU A 9 9.42 5.15 27.48
C GLU A 9 8.40 6.22 27.11
N LEU A 10 8.82 7.22 26.32
CA LEU A 10 7.93 8.29 25.81
C LEU A 10 6.91 7.79 24.79
N PHE A 11 7.16 6.62 24.23
CA PHE A 11 6.42 6.15 23.09
C PHE A 11 5.46 5.04 23.43
N THR A 12 5.20 4.92 24.71
CA THR A 12 4.48 3.82 25.25
C THR A 12 2.98 4.03 25.09
N GLY A 13 2.55 5.27 24.82
CA GLY A 13 1.14 5.58 24.59
C GLY A 13 0.96 6.40 23.34
N VAL A 14 -0.18 7.07 23.24
CA VAL A 14 -0.46 7.94 22.11
C VAL A 14 0.26 9.27 22.30
N VAL A 15 1.07 9.65 21.32
CA VAL A 15 1.78 10.90 21.38
C VAL A 15 1.24 11.86 20.32
N PRO A 16 0.98 13.11 20.70
CA PRO A 16 0.49 14.04 19.68
C PRO A 16 1.60 14.46 18.77
N ILE A 17 1.27 14.75 17.51
CA ILE A 17 2.28 15.12 16.51
C ILE A 17 1.92 16.43 15.83
N LEU A 18 2.97 17.21 15.55
CA LEU A 18 2.94 18.43 14.75
C LEU A 18 3.94 18.28 13.62
N VAL A 19 3.63 18.84 12.46
CA VAL A 19 4.55 18.84 11.33
C VAL A 19 4.53 20.17 10.62
N GLU A 20 5.71 20.72 10.32
CA GLU A 20 5.80 21.95 9.54
C GLU A 20 6.78 21.74 8.43
N LEU A 21 6.45 22.20 7.22
CA LEU A 21 7.41 22.14 6.13
C LEU A 21 7.44 23.44 5.37
N ASP A 22 8.64 23.89 5.01
CA ASP A 22 8.81 24.97 4.03
C ASP A 22 9.54 24.39 2.84
N GLY A 23 9.05 24.71 1.64
CA GLY A 23 9.57 24.08 0.44
C GLY A 23 9.79 25.05 -0.70
N ASP A 24 10.76 24.70 -1.54
CA ASP A 24 11.06 25.42 -2.77
C ASP A 24 11.38 24.36 -3.80
N VAL A 25 10.47 24.17 -4.74
CA VAL A 25 10.68 23.24 -5.84
C VAL A 25 10.65 24.04 -7.14
N ASN A 26 11.80 24.07 -7.82
CA ASN A 26 11.97 24.89 -9.01
C ASN A 26 11.48 26.33 -8.83
N GLY A 27 11.72 26.91 -7.66
CA GLY A 27 11.32 28.29 -7.45
C GLY A 27 9.92 28.49 -6.89
N HIS A 28 9.05 27.48 -7.01
CA HIS A 28 7.72 27.52 -6.39
C HIS A 28 7.79 27.33 -4.86
N LYS A 29 7.52 28.40 -4.13
CA LYS A 29 7.62 28.35 -2.68
C LYS A 29 6.28 27.90 -2.10
N PHE A 30 6.33 27.07 -1.07
CA PHE A 30 5.10 26.65 -0.38
C PHE A 30 5.35 26.14 1.05
N SER A 31 4.29 26.16 1.84
CA SER A 31 4.36 25.68 3.21
C SER A 31 3.22 24.74 3.48
N VAL A 32 3.49 23.75 4.32
CA VAL A 32 2.48 22.81 4.74
C VAL A 32 2.56 22.68 6.25
N SER A 33 1.40 22.51 6.87
CA SER A 33 1.37 22.21 8.29
C SER A 33 0.61 20.91 8.43
N GLY A 34 0.98 20.13 9.43
CA GLY A 34 0.35 18.86 9.69
C GLY A 34 0.16 18.66 11.18
N GLU A 35 -0.82 17.84 11.54
CA GLU A 35 -1.10 17.54 12.93
C GLU A 35 -1.71 16.17 13.00
N GLY A 36 -1.54 15.47 14.12
CA GLY A 36 -2.09 14.14 14.29
C GLY A 36 -1.50 13.46 15.49
N GLU A 37 -1.34 12.15 15.41
CA GLU A 37 -0.82 11.40 16.54
C GLU A 37 -0.26 10.06 16.11
N GLY A 38 0.57 9.49 16.98
CA GLY A 38 1.26 8.25 16.66
C GLY A 38 1.34 7.30 17.83
N ASP A 39 1.18 6.02 17.52
CA ASP A 39 1.14 4.98 18.53
C ASP A 39 2.13 3.87 18.21
N ALA A 40 3.31 3.95 18.80
CA ALA A 40 4.37 3.01 18.47
C ALA A 40 4.10 1.59 18.94
N THR A 41 3.24 1.44 19.93
CA THR A 41 2.82 0.13 20.37
C THR A 41 2.22 -0.66 19.21
N TYR A 42 1.55 0.04 18.30
CA TYR A 42 0.97 -0.56 17.10
C TYR A 42 1.79 -0.31 15.83
N GLY A 43 2.64 0.69 15.86
CA GLY A 43 3.29 1.15 14.63
C GLY A 43 2.33 2.01 13.82
N LYS A 44 1.33 2.55 14.48
CA LYS A 44 0.25 3.22 13.84
C LYS A 44 0.56 4.71 13.89
N LEU A 45 0.24 5.41 12.82
CA LEU A 45 0.57 6.82 12.68
C LEU A 45 -0.54 7.49 11.88
N THR A 46 -1.09 8.59 12.38
CA THR A 46 -2.16 9.30 11.70
C THR A 46 -1.87 10.78 11.62
N LEU A 47 -2.10 11.40 10.46
CA LEU A 47 -1.63 12.76 10.15
C LEU A 47 -2.47 13.47 9.07
N LYS A 48 -2.92 14.69 9.31
CA LYS A 48 -3.63 15.46 8.31
C LYS A 48 -2.83 16.68 7.94
N PHE A 49 -2.66 16.94 6.63
CA PHE A 49 -1.87 18.10 6.12
C PHE A 49 -2.70 19.08 5.31
N ILE A 50 -2.41 20.36 5.51
CA ILE A 50 -2.99 21.48 4.75
C ILE A 50 -1.86 22.18 4.05
N CYS A 51 -2.11 22.75 2.87
CA CYS A 51 -1.15 23.67 2.27
C CYS A 51 -1.55 25.08 2.69
N THR A 52 -0.63 25.76 3.35
CA THR A 52 -0.92 27.04 3.97
C THR A 52 -0.63 28.23 3.11
N THR A 53 -0.15 28.00 1.89
CA THR A 53 0.30 29.09 1.00
C THR A 53 -0.41 29.12 -0.34
N GLY A 54 -1.57 28.50 -0.42
CA GLY A 54 -2.30 28.45 -1.69
C GLY A 54 -2.25 27.05 -2.27
N LYS A 55 -2.03 26.97 -3.59
CA LYS A 55 -1.93 25.70 -4.32
C LYS A 55 -0.63 24.95 -4.05
N LEU A 56 -0.73 23.68 -3.72
CA LEU A 56 0.44 22.81 -3.64
C LEU A 56 1.02 22.55 -5.01
N PRO A 57 2.28 22.96 -5.23
CA PRO A 57 2.90 22.85 -6.54
C PRO A 57 3.43 21.46 -6.93
N VAL A 58 3.53 20.53 -5.97
CA VAL A 58 3.89 19.16 -6.24
C VAL A 58 2.82 18.23 -5.70
N PRO A 59 2.74 17.00 -6.20
CA PRO A 59 1.65 16.15 -5.71
C PRO A 59 1.93 15.62 -4.29
N TRP A 60 0.87 15.51 -3.50
CA TRP A 60 0.97 15.12 -2.10
C TRP A 60 1.79 13.85 -1.83
N PRO A 61 1.60 12.81 -2.63
CA PRO A 61 2.34 11.56 -2.40
C PRO A 61 3.84 11.74 -2.43
N THR A 62 4.33 12.69 -3.22
CA THR A 62 5.76 12.93 -3.29
C THR A 62 6.31 13.34 -1.94
N LEU A 63 5.44 13.86 -1.08
CA LEU A 63 5.88 14.37 0.21
C LEU A 63 5.72 13.43 1.38
N VAL A 64 5.16 12.25 1.15
CA VAL A 64 4.76 11.39 2.27
C VAL A 64 5.93 10.99 3.13
N THR A 65 6.98 10.48 2.51
CA THR A 65 8.17 10.06 3.23
C THR A 65 8.74 11.21 4.02
N THR A 66 8.68 12.38 3.43
CA THR A 66 9.23 13.53 4.04
C THR A 66 8.40 13.87 5.28
N PHE A 67 7.07 13.82 5.18
CA PHE A 67 6.27 14.28 6.30
C PHE A 67 6.32 13.21 7.34
N VAL A 69 8.69 10.33 10.77
CA VAL A 69 8.67 10.09 12.22
C VAL A 69 8.75 8.62 12.52
N GLN A 70 9.88 8.06 12.16
CA GLN A 70 10.10 6.62 12.19
C GLN A 70 10.44 6.19 13.63
N CYS A 71 10.35 7.15 14.52
CA CYS A 71 10.33 6.83 15.93
C CYS A 71 9.01 6.23 16.37
N PHE A 72 7.99 6.20 15.50
CA PHE A 72 6.70 5.56 15.84
C PHE A 72 6.63 4.15 15.31
N ALA A 73 7.75 3.60 14.86
CA ALA A 73 7.70 2.24 14.40
C ALA A 73 7.50 1.34 15.63
N ARG A 74 6.80 0.22 15.44
CA ARG A 74 6.72 -0.86 16.42
C ARG A 74 7.98 -1.69 16.22
N TYR A 75 8.88 -1.63 17.18
CA TYR A 75 10.00 -2.58 17.24
C TYR A 75 9.60 -3.76 18.13
N PRO A 76 9.63 -4.98 17.58
CA PRO A 76 9.39 -6.16 18.42
C PRO A 76 10.34 -6.24 19.61
N ASP A 77 9.85 -6.79 20.71
CA ASP A 77 10.66 -6.91 21.93
C ASP A 77 12.08 -7.43 21.65
N HIS A 78 12.22 -8.46 20.82
CA HIS A 78 13.55 -8.99 20.54
C HIS A 78 14.45 -8.02 19.75
N MET A 79 13.94 -6.83 19.42
CA MET A 79 14.65 -5.81 18.67
C MET A 79 14.66 -4.41 19.28
N LYS A 80 14.30 -4.28 20.55
CA LYS A 80 14.24 -2.97 21.19
C LYS A 80 15.62 -2.35 21.12
N GLN A 81 16.63 -3.21 21.20
CA GLN A 81 18.01 -2.78 21.22
C GLN A 81 18.50 -2.14 19.91
N HIS A 82 17.70 -2.19 18.85
CA HIS A 82 18.09 -1.64 17.55
C HIS A 82 17.29 -0.36 17.15
N ASP A 83 16.50 0.18 18.09
CA ASP A 83 15.69 1.34 17.84
C ASP A 83 16.44 2.66 18.10
N PHE A 84 17.18 3.10 17.10
CA PHE A 84 17.86 4.37 17.18
C PHE A 84 16.84 5.50 17.40
N PHE A 85 15.83 5.55 16.54
CA PHE A 85 14.88 6.63 16.51
C PHE A 85 14.48 7.09 17.88
N LYS A 86 14.00 6.12 18.65
CA LYS A 86 13.46 6.40 19.97
C LYS A 86 14.57 6.72 20.95
N SER A 87 15.71 6.06 20.84
CA SER A 87 16.77 6.22 21.84
C SER A 87 17.41 7.60 21.81
N ALA A 88 17.30 8.33 20.69
CA ALA A 88 17.75 9.72 20.61
C ALA A 88 16.79 10.74 21.21
N MET A 89 15.59 10.30 21.55
CA MET A 89 14.57 11.21 22.04
C MET A 89 14.74 11.44 23.54
N PRO A 90 14.25 12.58 24.05
CA PRO A 90 13.51 13.68 23.42
C PRO A 90 14.32 14.78 22.75
N GLU A 91 15.62 14.81 22.95
CA GLU A 91 16.42 15.79 22.23
C GLU A 91 16.24 15.57 20.72
N GLY A 92 16.14 14.31 20.32
CA GLY A 92 15.69 13.95 18.98
C GLY A 92 16.80 13.78 17.97
N TYR A 93 16.48 13.95 16.69
CA TYR A 93 17.46 13.75 15.64
C TYR A 93 17.23 14.63 14.41
N VAL A 94 18.32 14.82 13.68
CA VAL A 94 18.29 15.41 12.34
C VAL A 94 18.10 14.27 11.34
N GLN A 95 17.11 14.39 10.45
CA GLN A 95 16.89 13.45 9.34
C GLN A 95 17.11 14.24 8.07
N GLU A 96 18.10 13.81 7.28
CA GLU A 96 18.41 14.42 6.01
C GLU A 96 18.22 13.40 4.95
N ARG A 97 17.74 13.85 3.79
CA ARG A 97 17.46 12.97 2.68
C ARG A 97 17.75 13.66 1.37
N THR A 98 18.20 12.88 0.41
CA THR A 98 18.09 13.26 -0.99
C THR A 98 17.19 12.24 -1.60
N ILE A 99 16.25 12.71 -2.39
CA ILE A 99 15.31 11.82 -3.06
C ILE A 99 15.39 12.03 -4.56
N PHE A 100 15.88 11.04 -5.28
CA PHE A 100 16.01 11.14 -6.73
C PHE A 100 14.80 10.59 -7.45
N PHE A 101 14.00 11.48 -8.04
CA PHE A 101 12.93 11.05 -8.96
C PHE A 101 13.48 10.67 -10.33
N LYS A 102 13.31 9.41 -10.72
CA LYS A 102 13.95 8.87 -11.93
C LYS A 102 13.50 9.67 -13.14
N ASP A 103 14.46 10.09 -13.94
CA ASP A 103 14.21 10.89 -15.14
C ASP A 103 13.47 12.16 -14.83
N ASP A 104 13.73 12.69 -13.65
CA ASP A 104 13.13 13.94 -13.24
C ASP A 104 14.01 14.51 -12.13
N GLY A 105 13.49 15.48 -11.38
CA GLY A 105 14.31 16.19 -10.41
C GLY A 105 14.54 15.42 -9.13
N ASN A 106 14.98 16.15 -8.10
CA ASN A 106 15.18 15.58 -6.78
C ASN A 106 14.79 16.54 -5.67
N TYR A 107 14.40 15.97 -4.54
CA TYR A 107 14.22 16.71 -3.31
C TYR A 107 15.46 16.54 -2.47
N LYS A 108 15.78 17.55 -1.71
CA LYS A 108 16.79 17.46 -0.70
C LYS A 108 16.13 17.96 0.54
N THR A 109 16.16 17.20 1.62
CA THR A 109 15.44 17.62 2.82
C THR A 109 16.31 17.63 4.06
N ARG A 110 15.99 18.54 4.97
CA ARG A 110 16.63 18.59 6.29
C ARG A 110 15.52 18.77 7.30
N ALA A 111 15.34 17.80 8.18
CA ALA A 111 14.32 17.92 9.22
C ALA A 111 14.91 17.71 10.58
N GLU A 112 14.31 18.37 11.56
CA GLU A 112 14.61 18.05 12.93
C GLU A 112 13.36 17.46 13.49
N VAL A 113 13.49 16.28 14.09
CA VAL A 113 12.37 15.64 14.74
C VAL A 113 12.75 15.40 16.18
N LYS A 114 11.89 15.86 17.08
CA LYS A 114 12.26 16.05 18.48
C LYS A 114 11.05 16.49 19.26
N PHE A 115 11.11 16.38 20.56
CA PHE A 115 9.98 16.82 21.39
C PHE A 115 10.04 18.29 21.65
N GLU A 116 8.85 18.86 21.74
CA GLU A 116 8.63 20.22 22.18
C GLU A 116 7.46 20.03 23.16
N GLY A 117 7.82 19.96 24.43
CA GLY A 117 6.86 19.67 25.46
C GLY A 117 6.39 18.23 25.36
N ASP A 118 5.08 18.05 25.34
CA ASP A 118 4.47 16.74 25.17
C ASP A 118 4.40 16.31 23.71
N THR A 119 4.68 17.23 22.79
CA THR A 119 4.37 17.01 21.39
C THR A 119 5.62 16.66 20.61
N LEU A 120 5.47 15.68 19.72
CA LEU A 120 6.54 15.24 18.82
C LEU A 120 6.53 16.04 17.51
N VAL A 121 7.61 16.70 17.17
CA VAL A 121 7.61 17.65 16.06
C VAL A 121 8.60 17.32 14.96
N ASN A 122 8.12 17.38 13.72
CA ASN A 122 8.91 17.19 12.52
C ASN A 122 8.86 18.52 11.78
N ARG A 123 9.98 19.24 11.84
CA ARG A 123 10.13 20.53 11.21
C ARG A 123 11.06 20.33 10.04
N ILE A 124 10.60 20.67 8.83
CA ILE A 124 11.31 20.29 7.63
C ILE A 124 11.57 21.48 6.70
N GLU A 125 12.75 21.49 6.12
CA GLU A 125 13.11 22.37 5.02
C GLU A 125 13.42 21.49 3.79
N LEU A 126 12.81 21.83 2.66
CA LEU A 126 12.86 21.00 1.48
C LEU A 126 13.18 21.81 0.24
N LYS A 127 14.11 21.34 -0.56
CA LYS A 127 14.50 22.02 -1.80
C LYS A 127 14.48 21.03 -2.92
N GLY A 128 13.75 21.37 -3.96
CA GLY A 128 13.68 20.54 -5.13
C GLY A 128 14.21 21.28 -6.33
N ILE A 129 14.92 20.59 -7.21
CA ILE A 129 15.47 21.21 -8.41
C ILE A 129 15.52 20.23 -9.58
N ASP A 130 15.78 20.76 -10.79
CA ASP A 130 15.89 19.98 -12.04
C ASP A 130 14.61 19.24 -12.42
N PHE A 131 13.46 19.72 -11.98
CA PHE A 131 12.23 19.04 -12.34
C PHE A 131 11.70 19.50 -13.70
N LYS A 132 11.17 18.55 -14.46
CA LYS A 132 10.57 18.82 -15.77
C LYS A 132 9.21 19.44 -15.58
N GLU A 133 8.81 20.33 -16.48
CA GLU A 133 7.61 21.14 -16.30
C GLU A 133 6.35 20.35 -16.53
N ASP A 134 6.36 19.45 -17.51
CA ASP A 134 5.26 18.50 -17.63
C ASP A 134 5.78 17.07 -17.37
N GLY A 135 6.63 16.93 -16.35
CA GLY A 135 7.01 15.64 -15.81
C GLY A 135 5.97 15.16 -14.81
N ASN A 136 6.17 13.98 -14.25
CA ASN A 136 5.14 13.37 -13.43
C ASN A 136 4.87 14.18 -12.18
N ILE A 137 5.89 14.87 -11.66
CA ILE A 137 5.71 15.67 -10.47
C ILE A 137 5.07 17.00 -10.78
N LEU A 138 5.74 17.89 -11.51
CA LEU A 138 5.15 19.22 -11.82
C LEU A 138 3.94 19.17 -12.74
N GLY A 139 3.85 18.10 -13.54
CA GLY A 139 2.64 17.82 -14.34
C GLY A 139 1.44 17.21 -13.58
N HIS A 140 1.61 16.90 -12.30
CA HIS A 140 0.54 16.40 -11.44
C HIS A 140 -0.08 15.13 -11.94
N LYS A 141 0.78 14.19 -12.30
CA LYS A 141 0.38 12.93 -12.93
C LYS A 141 0.42 11.70 -12.03
N LEU A 142 0.64 11.90 -10.73
CA LEU A 142 0.63 10.79 -9.80
C LEU A 142 -0.77 10.53 -9.31
N GLU A 143 -1.14 9.26 -9.21
CA GLU A 143 -2.39 8.83 -8.55
C GLU A 143 -2.30 9.09 -7.06
N TYR A 144 -3.44 9.35 -6.44
CA TYR A 144 -3.49 9.64 -5.00
C TYR A 144 -3.61 8.34 -4.16
N ASN A 145 -2.46 7.69 -3.98
CA ASN A 145 -2.37 6.42 -3.27
C ASN A 145 -0.90 6.12 -2.92
N TYR A 146 -0.64 4.98 -2.29
CA TYR A 146 0.71 4.67 -1.84
C TYR A 146 0.83 3.17 -1.66
N ASN A 147 2.04 2.64 -1.70
CA ASN A 147 2.26 1.18 -1.58
C ASN A 147 3.20 0.82 -0.44
N SER A 148 3.41 -0.49 -0.23
CA SER A 148 4.36 -1.00 0.79
C SER A 148 5.81 -0.82 0.40
N HIS A 149 6.68 -0.58 1.37
CA HIS A 149 8.11 -0.56 1.10
C HIS A 149 8.86 -1.03 2.33
N ASN A 150 10.07 -1.53 2.10
CA ASN A 150 10.97 -1.99 3.14
C ASN A 150 12.15 -1.03 3.24
N VAL A 151 12.24 -0.37 4.38
CA VAL A 151 13.24 0.66 4.60
C VAL A 151 14.44 0.01 5.26
N TYR A 152 15.54 -0.12 4.51
CA TYR A 152 16.70 -0.84 5.02
C TYR A 152 17.58 0.12 5.81
N ILE A 153 18.00 -0.32 7.00
CA ILE A 153 18.69 0.54 7.95
C ILE A 153 20.05 -0.01 8.34
N MET A 154 21.02 0.89 8.34
CA MET A 154 22.42 0.60 8.59
C MET A 154 22.95 1.57 9.62
N ALA A 155 23.88 1.07 10.44
CA ALA A 155 24.61 1.93 11.33
C ALA A 155 25.65 2.71 10.55
N ASP A 156 25.89 3.96 10.96
CA ASP A 156 27.08 4.70 10.58
C ASP A 156 27.80 5.26 11.83
N LYS A 157 28.77 4.51 12.39
CA LYS A 157 29.47 4.96 13.61
C LYS A 157 30.36 6.19 13.41
N GLN A 158 30.77 6.46 12.16
CA GLN A 158 31.49 7.70 11.90
C GLN A 158 30.66 8.90 12.40
N LYS A 159 29.37 8.90 12.04
CA LYS A 159 28.44 10.01 12.40
C LYS A 159 27.64 9.84 13.72
N ASN A 160 27.71 8.63 14.25
CA ASN A 160 26.90 8.18 15.40
C ASN A 160 25.39 8.08 15.14
N GLY A 161 25.06 7.68 13.94
CA GLY A 161 23.69 7.55 13.56
C GLY A 161 23.49 6.40 12.60
N ILE A 162 22.61 6.62 11.64
CA ILE A 162 22.24 5.62 10.68
C ILE A 162 22.22 6.17 9.27
N LYS A 163 22.48 5.28 8.33
CA LYS A 163 22.24 5.52 6.94
C LYS A 163 21.07 4.68 6.61
N VAL A 164 20.21 5.17 5.73
CA VAL A 164 18.95 4.51 5.42
C VAL A 164 18.64 4.61 3.92
N ASN A 165 18.16 3.51 3.35
CA ASN A 165 17.86 3.44 1.94
C ASN A 165 16.61 2.66 1.56
N PHE A 166 15.91 3.16 0.57
CA PHE A 166 14.79 2.45 0.00
C PHE A 166 14.36 3.13 -1.27
N LYS A 167 13.46 2.45 -1.98
CA LYS A 167 12.98 2.89 -3.27
C LYS A 167 11.47 2.93 -3.27
N ILE A 168 10.88 4.12 -3.31
CA ILE A 168 9.42 4.30 -3.36
C ILE A 168 8.86 4.09 -4.77
N ARG A 169 7.68 3.48 -4.84
CA ARG A 169 6.97 3.22 -6.09
C ARG A 169 5.71 4.09 -6.08
N HIS A 170 5.73 5.18 -6.86
CA HIS A 170 4.58 6.07 -7.03
C HIS A 170 3.82 5.73 -8.31
N ASN A 171 2.57 5.28 -8.19
CA ASN A 171 1.78 4.87 -9.34
C ASN A 171 1.32 6.07 -10.11
N ILE A 172 1.37 5.96 -11.44
CA ILE A 172 1.07 7.04 -12.35
C ILE A 172 -0.26 6.79 -13.03
N GLU A 173 -1.01 7.85 -13.26
CA GLU A 173 -2.39 7.75 -13.80
C GLU A 173 -2.50 7.09 -15.17
N ASP A 174 -1.39 6.95 -15.90
CA ASP A 174 -1.36 6.15 -17.13
C ASP A 174 -0.90 4.71 -16.87
N GLY A 175 -0.91 4.29 -15.61
CA GLY A 175 -0.55 2.94 -15.22
C GLY A 175 0.94 2.61 -15.16
N SER A 176 1.80 3.56 -15.47
CA SER A 176 3.22 3.35 -15.28
C SER A 176 3.57 3.67 -13.84
N VAL A 177 4.83 3.45 -13.50
CA VAL A 177 5.33 3.73 -12.15
C VAL A 177 6.51 4.70 -12.21
N GLN A 178 6.48 5.69 -11.32
CA GLN A 178 7.58 6.66 -11.09
C GLN A 178 8.34 6.26 -9.86
N LEU A 179 9.60 5.92 -10.03
CA LEU A 179 10.40 5.45 -8.91
C LEU A 179 11.10 6.64 -8.29
N ALA A 180 11.42 6.50 -7.00
CA ALA A 180 12.08 7.56 -6.24
C ALA A 180 13.05 6.98 -5.22
N ASP A 181 14.35 7.12 -5.50
CA ASP A 181 15.37 6.51 -4.64
C ASP A 181 15.67 7.44 -3.46
N HIS A 182 15.69 6.86 -2.26
CA HIS A 182 15.83 7.64 -1.02
C HIS A 182 17.20 7.36 -0.42
N TYR A 183 17.96 8.43 -0.19
CA TYR A 183 19.22 8.37 0.53
C TYR A 183 19.02 9.16 1.79
N GLN A 184 19.17 8.52 2.93
CA GLN A 184 18.75 9.11 4.18
C GLN A 184 19.80 8.88 5.25
N GLN A 185 20.00 9.90 6.07
CA GLN A 185 20.80 9.80 7.26
C GLN A 185 20.10 10.42 8.43
N ASN A 186 20.23 9.78 9.57
CA ASN A 186 19.76 10.36 10.82
C ASN A 186 20.92 10.47 11.80
N THR A 187 21.05 11.62 12.46
CA THR A 187 22.09 11.80 13.45
C THR A 187 21.46 12.44 14.67
N PRO A 188 21.96 12.10 15.87
CA PRO A 188 21.35 12.57 17.12
C PRO A 188 21.63 14.00 17.34
N ILE A 189 20.70 14.68 18.02
CA ILE A 189 20.82 16.09 18.32
C ILE A 189 21.56 16.27 19.63
N GLY A 190 21.24 15.45 20.63
CA GLY A 190 21.85 15.55 21.95
C GLY A 190 23.17 14.85 22.07
N ASP A 191 23.84 15.05 23.21
CA ASP A 191 25.15 14.45 23.51
C ASP A 191 25.02 13.03 24.03
N GLY A 192 23.82 12.63 24.44
CA GLY A 192 23.63 11.32 25.07
C GLY A 192 24.05 10.17 24.14
N PRO A 193 24.31 8.99 24.71
CA PRO A 193 24.58 7.84 23.83
C PRO A 193 23.29 7.33 23.17
N VAL A 194 23.43 6.64 22.04
CA VAL A 194 22.28 6.14 21.30
C VAL A 194 22.52 4.72 20.80
N LEU A 195 21.44 4.03 20.47
CA LEU A 195 21.54 2.70 19.92
C LEU A 195 22.15 2.70 18.53
N LEU A 196 23.25 2.01 18.34
CA LEU A 196 23.71 1.75 16.99
C LEU A 196 23.30 0.35 16.57
N PRO A 197 22.35 0.27 15.64
CA PRO A 197 21.70 -0.99 15.31
C PRO A 197 22.48 -1.90 14.38
N ASP A 198 22.10 -3.18 14.34
CA ASP A 198 22.55 -4.08 13.29
C ASP A 198 21.61 -3.77 12.15
N ASN A 199 22.01 -4.15 10.95
CA ASN A 199 21.25 -3.90 9.77
C ASN A 199 19.91 -4.53 9.95
N HIS A 200 18.85 -3.81 9.62
CA HIS A 200 17.52 -4.37 9.68
C HIS A 200 16.63 -3.56 8.78
N TYR A 201 15.35 -3.82 8.78
CA TYR A 201 14.50 -3.01 7.95
C TYR A 201 13.15 -2.74 8.62
N LEU A 202 12.48 -1.72 8.12
CA LEU A 202 11.19 -1.30 8.61
C LEU A 202 10.20 -1.57 7.51
N SER A 203 9.21 -2.39 7.80
CA SER A 203 8.17 -2.68 6.84
C SER A 203 7.10 -1.62 6.93
N THR A 204 7.04 -0.72 5.96
CA THR A 204 6.08 0.36 6.05
C THR A 204 4.97 0.21 5.00
N GLN A 205 3.78 0.62 5.40
CA GLN A 205 2.58 0.54 4.60
C GLN A 205 1.79 1.76 4.87
N SER A 206 1.17 2.32 3.84
CA SER A 206 0.54 3.61 3.94
C SER A 206 -0.77 3.65 3.19
N ALA A 207 -1.65 4.55 3.60
CA ALA A 207 -2.87 4.80 2.87
C ALA A 207 -3.17 6.28 2.95
N LEU A 208 -3.41 6.92 1.81
CA LEU A 208 -3.78 8.33 1.77
C LEU A 208 -5.27 8.45 1.57
N SER A 209 -5.97 9.21 2.40
CA SER A 209 -7.37 9.44 2.13
C SER A 209 -7.75 10.91 2.30
N LYS A 210 -9.04 11.14 2.48
CA LYS A 210 -9.60 12.46 2.60
C LYS A 210 -10.67 12.50 3.67
N ASP A 211 -10.60 13.53 4.50
CA ASP A 211 -11.71 14.04 5.27
C ASP A 211 -12.74 14.73 4.37
N PRO A 212 -13.95 14.17 4.29
CA PRO A 212 -14.95 14.70 3.35
C PRO A 212 -15.52 16.03 3.77
N ASN A 213 -15.44 16.32 5.07
CA ASN A 213 -15.79 17.64 5.60
C ASN A 213 -14.73 18.73 5.39
N GLU A 214 -13.59 18.37 4.83
CA GLU A 214 -12.56 19.35 4.60
C GLU A 214 -12.66 19.82 3.17
N LYS A 215 -12.87 21.12 3.02
CA LYS A 215 -13.00 21.71 1.72
C LYS A 215 -11.63 22.09 1.18
N ARG A 216 -10.67 22.38 2.06
CA ARG A 216 -9.34 22.76 1.59
C ARG A 216 -8.61 21.57 1.00
N ASP A 217 -7.58 21.88 0.23
CA ASP A 217 -6.82 20.85 -0.43
C ASP A 217 -5.91 20.31 0.69
N HIS A 218 -6.00 18.99 0.90
CA HIS A 218 -5.39 18.38 2.03
C HIS A 218 -5.06 16.92 1.78
N MET A 219 -4.41 16.30 2.75
CA MET A 219 -4.13 14.89 2.68
C MET A 219 -4.27 14.31 4.08
N VAL A 220 -4.84 13.12 4.17
CA VAL A 220 -4.86 12.41 5.40
C VAL A 220 -3.96 11.26 5.13
N LEU A 221 -2.97 11.08 5.97
CA LEU A 221 -2.01 10.01 5.83
C LEU A 221 -2.11 9.08 7.00
N LEU A 222 -2.20 7.80 6.69
CA LEU A 222 -2.16 6.73 7.65
C LEU A 222 -0.96 5.88 7.32
N GLU A 223 -0.18 5.55 8.34
CA GLU A 223 1.06 4.86 8.14
C GLU A 223 1.24 3.76 9.20
N PHE A 224 1.58 2.56 8.76
CA PHE A 224 1.80 1.42 9.64
C PHE A 224 3.20 0.93 9.46
N VAL A 225 4.03 1.11 10.48
CA VAL A 225 5.44 0.78 10.35
C VAL A 225 5.83 -0.22 11.39
N THR A 226 6.48 -1.29 10.98
CA THR A 226 7.02 -2.21 11.97
C THR A 226 8.32 -2.88 11.51
N ALA A 227 9.20 -3.19 12.47
CA ALA A 227 10.59 -3.53 12.25
C ALA A 227 10.84 -5.02 12.12
N ALA A 228 11.82 -5.38 11.28
CA ALA A 228 12.18 -6.78 11.01
C ALA A 228 13.61 -6.97 10.47
N GLY A 229 13.97 -8.21 10.12
CA GLY A 229 15.17 -8.51 9.30
C GLY A 229 16.33 -8.98 10.13
N SER A 233 17.90 -13.57 8.81
CA SER A 233 17.06 -13.94 7.66
C SER A 233 17.73 -15.03 6.78
N ASP A 234 16.91 -15.82 6.09
CA ASP A 234 17.37 -17.02 5.39
C ASP A 234 17.54 -16.81 3.89
N VAL A 235 16.50 -16.27 3.25
CA VAL A 235 16.32 -16.40 1.79
C VAL A 235 16.92 -15.26 0.95
N HIS A 236 16.62 -15.24 -0.36
CA HIS A 236 17.18 -14.24 -1.30
C HIS A 236 16.68 -12.84 -1.00
N LYS A 237 17.58 -11.86 -1.01
CA LYS A 237 17.21 -10.49 -0.69
C LYS A 237 17.74 -9.60 -1.77
N LYS A 238 16.85 -8.77 -2.30
CA LYS A 238 17.19 -7.84 -3.35
C LYS A 238 17.69 -6.60 -2.64
N CYS A 239 18.74 -5.99 -3.19
CA CYS A 239 19.26 -4.72 -2.71
C CYS A 239 18.11 -3.70 -2.66
N PRO A 240 18.10 -2.85 -1.64
CA PRO A 240 17.11 -1.80 -1.52
C PRO A 240 17.00 -0.87 -2.71
N LEU A 241 18.12 -0.60 -3.38
CA LEU A 241 18.18 0.41 -4.48
C LEU A 241 18.42 -0.13 -5.91
N CYS A 242 18.67 -1.42 -6.08
CA CYS A 242 18.83 -2.00 -7.45
C CYS A 242 18.31 -3.46 -7.50
N GLU A 243 18.28 -4.05 -8.69
CA GLU A 243 17.65 -5.38 -8.83
C GLU A 243 18.63 -6.55 -8.61
N LEU A 244 19.89 -6.21 -8.40
CA LEU A 244 20.89 -7.19 -8.00
C LEU A 244 20.48 -8.00 -6.78
N MET A 245 20.67 -9.32 -6.88
CA MET A 245 20.22 -10.26 -5.84
C MET A 245 21.33 -10.71 -4.92
N PHE A 246 20.98 -10.95 -3.67
CA PHE A 246 21.85 -11.65 -2.74
C PHE A 246 21.30 -13.01 -2.35
N PRO A 247 22.17 -14.03 -2.35
CA PRO A 247 21.81 -15.43 -2.06
C PRO A 247 21.57 -15.73 -0.58
N PRO A 248 21.04 -16.93 -0.28
CA PRO A 248 20.61 -17.23 1.09
C PRO A 248 21.76 -17.18 2.05
N ASN A 249 21.49 -16.66 3.25
CA ASN A 249 22.48 -16.60 4.32
C ASN A 249 23.81 -16.21 3.69
N TYR A 250 23.83 -14.93 3.37
CA TYR A 250 24.90 -14.26 2.67
C TYR A 250 25.64 -13.54 3.77
N ASP A 251 26.93 -13.27 3.55
CA ASP A 251 27.72 -12.39 4.41
C ASP A 251 27.10 -10.97 4.51
N GLN A 252 26.52 -10.68 5.67
CA GLN A 252 25.73 -9.48 5.87
C GLN A 252 26.55 -8.19 5.83
N SER A 253 27.84 -8.29 6.09
CA SER A 253 28.72 -7.13 6.00
C SER A 253 29.00 -6.75 4.54
N LYS A 254 28.98 -7.75 3.66
CA LYS A 254 29.21 -7.50 2.23
C LYS A 254 27.96 -6.97 1.53
N PHE A 255 26.80 -7.32 2.08
CA PHE A 255 25.55 -6.71 1.69
C PHE A 255 25.62 -5.22 1.99
N GLU A 256 25.94 -4.91 3.24
CA GLU A 256 26.18 -3.55 3.67
C GLU A 256 27.16 -2.86 2.74
N GLU A 257 28.31 -3.48 2.54
CA GLU A 257 29.27 -2.93 1.62
C GLU A 257 28.62 -2.59 0.28
N HIS A 258 27.84 -3.53 -0.25
CA HIS A 258 27.22 -3.30 -1.56
C HIS A 258 26.32 -2.07 -1.55
N VAL A 259 25.55 -1.95 -0.49
CA VAL A 259 24.62 -0.84 -0.40
C VAL A 259 25.39 0.48 -0.37
N GLU A 260 26.40 0.54 0.50
CA GLU A 260 27.29 1.70 0.61
C GLU A 260 27.82 2.12 -0.75
N SER A 261 28.21 1.14 -1.55
CA SER A 261 28.65 1.40 -2.93
C SER A 261 27.68 2.20 -3.83
N HIS A 262 26.37 2.26 -3.51
CA HIS A 262 25.44 3.15 -4.26
C HIS A 262 25.63 4.64 -3.91
N TRP A 263 26.19 4.87 -2.71
CA TRP A 263 26.59 6.19 -2.23
C TRP A 263 28.00 6.50 -2.74
N LYS A 264 28.45 7.74 -2.50
CA LYS A 264 29.87 8.14 -2.58
C LYS A 264 30.50 7.95 -1.20
N VAL A 265 31.46 7.02 -1.09
CA VAL A 265 32.13 6.77 0.22
C VAL A 265 33.58 7.22 0.19
N CYS A 266 33.98 7.99 1.19
CA CYS A 266 35.37 8.43 1.30
C CYS A 266 36.23 7.24 1.72
N PRO A 267 37.27 6.89 0.94
CA PRO A 267 38.10 5.74 1.32
C PRO A 267 38.94 5.93 2.58
N MET A 268 39.06 7.16 3.09
CA MET A 268 39.74 7.45 4.35
C MET A 268 38.88 7.25 5.60
N CYS A 269 37.96 8.18 5.84
CA CYS A 269 37.10 8.16 7.04
C CYS A 269 35.71 7.53 6.79
N SER A 270 35.49 7.10 5.55
CA SER A 270 34.24 6.44 5.15
C SER A 270 32.97 7.29 5.34
N GLU A 271 33.11 8.62 5.39
CA GLU A 271 31.95 9.51 5.35
C GLU A 271 31.20 9.31 4.04
N GLN A 272 29.88 9.33 4.14
CA GLN A 272 29.01 8.94 3.03
C GLN A 272 28.25 10.11 2.41
N PHE A 273 28.22 10.15 1.08
CA PHE A 273 27.56 11.22 0.36
C PHE A 273 26.62 10.62 -0.68
N PRO A 274 25.50 11.31 -0.92
CA PRO A 274 24.56 10.90 -1.97
C PRO A 274 25.26 10.87 -3.34
N PRO A 275 24.76 10.06 -4.27
CA PRO A 275 25.53 9.76 -5.50
C PRO A 275 25.66 10.87 -6.56
N ASP A 276 24.80 11.87 -6.52
CA ASP A 276 24.95 13.10 -7.31
C ASP A 276 25.98 14.11 -6.76
N TYR A 277 26.63 13.80 -5.63
CA TYR A 277 27.52 14.74 -4.94
C TYR A 277 28.70 15.04 -5.85
N ASP A 278 28.98 16.34 -5.98
CA ASP A 278 29.86 16.84 -7.05
C ASP A 278 31.27 16.29 -6.89
N GLN A 279 31.85 15.77 -7.96
CA GLN A 279 33.13 15.05 -7.86
C GLN A 279 34.24 15.98 -7.34
N GLN A 280 34.36 17.14 -7.97
CA GLN A 280 35.26 18.21 -7.54
C GLN A 280 35.25 18.39 -6.01
N VAL A 281 34.06 18.54 -5.43
CA VAL A 281 33.88 18.75 -3.98
C VAL A 281 34.25 17.51 -3.17
N PHE A 282 33.93 16.34 -3.70
CA PHE A 282 34.27 15.07 -3.07
C PHE A 282 35.79 14.91 -3.01
N GLU A 283 36.44 15.32 -4.10
CA GLU A 283 37.90 15.32 -4.21
C GLU A 283 38.57 16.26 -3.18
N ARG A 284 37.96 17.41 -2.89
CA ARG A 284 38.49 18.27 -1.79
C ARG A 284 38.19 17.73 -0.39
N HIS A 285 37.14 16.93 -0.19
CA HIS A 285 36.99 16.27 1.10
C HIS A 285 38.16 15.32 1.34
N VAL A 286 38.56 14.58 0.31
CA VAL A 286 39.64 13.60 0.47
C VAL A 286 40.98 14.28 0.77
N GLN A 287 41.16 15.49 0.28
CA GLN A 287 42.38 16.27 0.55
C GLN A 287 42.40 16.78 2.01
N THR A 288 41.24 16.82 2.63
CA THR A 288 41.08 17.19 4.03
C THR A 288 41.89 16.25 4.96
N HIS A 289 42.20 15.04 4.50
CA HIS A 289 42.96 14.05 5.29
C HIS A 289 44.47 14.20 5.12
N PHE A 290 44.88 14.99 4.12
CA PHE A 290 46.26 15.33 3.89
C PHE A 290 46.40 16.84 4.00
N LYS B 6 -33.75 0.35 1.54
CA LYS B 6 -33.08 1.36 2.42
C LYS B 6 -31.79 1.83 1.72
N GLY B 7 -30.98 0.87 1.27
CA GLY B 7 -29.89 1.13 0.31
C GLY B 7 -28.73 1.93 0.85
N GLU B 8 -28.48 3.12 0.31
CA GLU B 8 -27.41 3.95 0.82
C GLU B 8 -27.71 4.52 2.21
N GLU B 9 -28.96 4.44 2.67
CA GLU B 9 -29.35 4.96 3.98
C GLU B 9 -28.79 4.11 5.15
N LEU B 10 -28.49 2.84 4.90
CA LEU B 10 -27.82 1.98 5.89
C LEU B 10 -26.36 2.36 6.16
N PHE B 11 -25.76 3.10 5.25
CA PHE B 11 -24.28 3.24 5.23
C PHE B 11 -23.79 4.61 5.68
N THR B 12 -24.68 5.37 6.33
CA THR B 12 -24.39 6.76 6.69
C THR B 12 -23.46 6.82 7.87
N GLY B 13 -23.39 5.76 8.65
CA GLY B 13 -22.59 5.76 9.85
C GLY B 13 -21.72 4.54 9.91
N VAL B 14 -21.27 4.23 11.11
CA VAL B 14 -20.45 3.06 11.34
C VAL B 14 -21.34 1.83 11.38
N VAL B 15 -21.03 0.85 10.55
CA VAL B 15 -21.75 -0.41 10.54
C VAL B 15 -20.85 -1.51 11.07
N PRO B 16 -21.37 -2.32 11.99
CA PRO B 16 -20.53 -3.43 12.45
C PRO B 16 -20.44 -4.50 11.37
N ILE B 17 -19.33 -5.21 11.35
CA ILE B 17 -19.12 -6.23 10.35
C ILE B 17 -18.72 -7.56 10.99
N LEU B 18 -19.23 -8.63 10.38
CA LEU B 18 -18.88 -10.01 10.69
C LEU B 18 -18.41 -10.66 9.39
N VAL B 19 -17.44 -11.56 9.51
CA VAL B 19 -16.98 -12.33 8.37
C VAL B 19 -16.72 -13.78 8.75
N GLU B 20 -17.22 -14.71 7.95
CA GLU B 20 -16.89 -16.13 8.10
C GLU B 20 -16.43 -16.72 6.77
N LEU B 21 -15.38 -17.54 6.81
CA LEU B 21 -14.93 -18.21 5.59
C LEU B 21 -14.62 -19.67 5.87
N ASP B 22 -15.02 -20.54 4.94
CA ASP B 22 -14.54 -21.91 4.94
C ASP B 22 -13.75 -22.14 3.68
N GLY B 23 -12.59 -22.77 3.83
CA GLY B 23 -11.66 -22.90 2.74
C GLY B 23 -11.08 -24.28 2.61
N ASP B 24 -10.82 -24.65 1.38
CA ASP B 24 -10.16 -25.90 1.05
C ASP B 24 -9.20 -25.54 -0.06
N VAL B 25 -7.92 -25.51 0.30
CA VAL B 25 -6.88 -25.25 -0.67
C VAL B 25 -6.03 -26.50 -0.76
N ASN B 26 -6.03 -27.12 -1.93
CA ASN B 26 -5.34 -28.38 -2.13
C ASN B 26 -5.61 -29.39 -1.00
N GLY B 27 -6.86 -29.46 -0.53
CA GLY B 27 -7.19 -30.42 0.52
C GLY B 27 -7.04 -29.91 1.94
N HIS B 28 -6.25 -28.86 2.17
CA HIS B 28 -6.08 -28.27 3.49
C HIS B 28 -7.31 -27.47 3.89
N LYS B 29 -8.06 -27.98 4.85
CA LYS B 29 -9.32 -27.36 5.22
C LYS B 29 -9.05 -26.37 6.34
N PHE B 30 -9.70 -25.23 6.28
CA PHE B 30 -9.52 -24.22 7.33
C PHE B 30 -10.69 -23.25 7.37
N SER B 31 -10.83 -22.62 8.53
CA SER B 31 -11.89 -21.66 8.72
C SER B 31 -11.34 -20.40 9.34
N VAL B 32 -11.91 -19.29 8.95
CA VAL B 32 -11.53 -18.00 9.49
C VAL B 32 -12.78 -17.26 9.90
N SER B 33 -12.69 -16.53 11.01
CA SER B 33 -13.74 -15.67 11.47
C SER B 33 -13.18 -14.28 11.51
N GLY B 34 -14.01 -13.28 11.21
CA GLY B 34 -13.57 -11.88 11.23
C GLY B 34 -14.65 -11.02 11.86
N GLU B 35 -14.21 -9.92 12.46
CA GLU B 35 -15.08 -8.98 13.15
C GLU B 35 -14.52 -7.60 12.89
N GLY B 36 -15.37 -6.58 12.78
CA GLY B 36 -14.88 -5.22 12.71
C GLY B 36 -15.96 -4.25 12.38
N GLU B 37 -15.60 -3.19 11.66
CA GLU B 37 -16.60 -2.21 11.28
C GLU B 37 -16.17 -1.41 10.06
N GLY B 38 -17.14 -0.77 9.43
CA GLY B 38 -16.90 -0.03 8.21
C GLY B 38 -17.66 1.27 8.09
N ASP B 39 -17.00 2.27 7.51
CA ASP B 39 -17.54 3.60 7.45
C ASP B 39 -17.48 4.15 6.05
N ALA B 40 -18.59 4.03 5.32
CA ALA B 40 -18.60 4.39 3.91
C ALA B 40 -18.48 5.89 3.69
N THR B 41 -18.81 6.68 4.70
CA THR B 41 -18.57 8.11 4.66
C THR B 41 -17.10 8.43 4.35
N TYR B 42 -16.19 7.59 4.85
CA TYR B 42 -14.76 7.72 4.60
C TYR B 42 -14.23 6.69 3.59
N GLY B 43 -14.97 5.61 3.36
CA GLY B 43 -14.46 4.49 2.59
C GLY B 43 -13.57 3.63 3.45
N LYS B 44 -13.72 3.79 4.77
CA LYS B 44 -12.80 3.24 5.73
C LYS B 44 -13.37 1.92 6.22
N LEU B 45 -12.51 0.95 6.43
CA LEU B 45 -12.92 -0.40 6.74
C LEU B 45 -11.89 -1.04 7.66
N THR B 46 -12.35 -1.56 8.79
CA THR B 46 -11.43 -2.14 9.76
C THR B 46 -11.90 -3.53 10.15
N LEU B 47 -10.98 -4.49 10.19
CA LEU B 47 -11.34 -5.92 10.26
C LEU B 47 -10.20 -6.74 10.87
N LYS B 48 -10.51 -7.57 11.86
CA LYS B 48 -9.51 -8.46 12.46
C LYS B 48 -9.91 -9.90 12.23
N PHE B 49 -8.98 -10.73 11.76
CA PHE B 49 -9.29 -12.14 11.44
C PHE B 49 -8.50 -13.09 12.28
N ILE B 50 -9.15 -14.17 12.68
CA ILE B 50 -8.54 -15.28 13.40
C ILE B 50 -8.68 -16.52 12.54
N CYS B 51 -7.72 -17.42 12.60
CA CYS B 51 -7.90 -18.74 11.99
C CYS B 51 -8.40 -19.64 13.11
N THR B 52 -9.58 -20.22 12.91
CA THR B 52 -10.28 -20.94 13.95
C THR B 52 -9.95 -22.42 13.95
N THR B 53 -9.12 -22.89 13.03
CA THR B 53 -8.87 -24.33 12.86
C THR B 53 -7.40 -24.70 12.98
N GLY B 54 -6.59 -23.82 13.58
CA GLY B 54 -5.15 -24.05 13.69
C GLY B 54 -4.34 -23.03 12.90
N LYS B 55 -3.21 -23.47 12.35
CA LYS B 55 -2.32 -22.57 11.61
C LYS B 55 -2.68 -22.47 10.10
N LEU B 56 -2.95 -21.25 9.67
CA LEU B 56 -3.48 -20.94 8.33
C LEU B 56 -2.58 -21.48 7.24
N PRO B 57 -3.14 -22.29 6.32
CA PRO B 57 -2.32 -22.97 5.32
C PRO B 57 -1.86 -22.08 4.15
N VAL B 58 -2.48 -20.91 3.98
CA VAL B 58 -2.09 -19.96 2.94
C VAL B 58 -1.75 -18.62 3.60
N PRO B 59 -0.96 -17.78 2.95
CA PRO B 59 -0.63 -16.53 3.60
C PRO B 59 -1.81 -15.57 3.61
N TRP B 60 -1.92 -14.83 4.71
CA TRP B 60 -3.06 -13.94 4.92
C TRP B 60 -3.35 -12.97 3.76
N PRO B 61 -2.31 -12.36 3.17
CA PRO B 61 -2.53 -11.44 2.06
C PRO B 61 -3.32 -12.03 0.91
N THR B 62 -3.17 -13.34 0.68
CA THR B 62 -3.87 -13.98 -0.43
C THR B 62 -5.36 -13.91 -0.24
N LEU B 63 -5.81 -13.71 1.00
CA LEU B 63 -7.24 -13.69 1.30
C LEU B 63 -7.88 -12.31 1.39
N VAL B 64 -7.08 -11.25 1.23
CA VAL B 64 -7.55 -9.91 1.58
C VAL B 64 -8.75 -9.49 0.75
N THR B 65 -8.65 -9.66 -0.56
CA THR B 65 -9.75 -9.30 -1.45
C THR B 65 -10.97 -10.10 -1.09
N THR B 66 -10.74 -11.33 -0.69
CA THR B 66 -11.85 -12.22 -0.41
C THR B 66 -12.61 -11.81 0.81
N PHE B 67 -11.91 -11.53 1.92
CA PHE B 67 -12.61 -10.99 3.08
C PHE B 67 -13.13 -9.61 2.73
N VAL B 69 -16.24 -6.45 0.89
CA VAL B 69 -17.38 -5.60 1.29
C VAL B 69 -17.26 -4.22 0.66
N GLN B 70 -17.33 -4.22 -0.65
CA GLN B 70 -17.10 -3.03 -1.44
C GLN B 70 -18.31 -2.10 -1.39
N CYS B 71 -19.28 -2.50 -0.57
CA CYS B 71 -20.37 -1.61 -0.23
C CYS B 71 -19.92 -0.52 0.74
N PHE B 72 -18.71 -0.61 1.30
CA PHE B 72 -18.21 0.43 2.17
C PHE B 72 -17.31 1.40 1.41
N ALA B 73 -17.38 1.41 0.08
CA ALA B 73 -16.63 2.39 -0.67
C ALA B 73 -17.30 3.71 -0.50
N ARG B 74 -16.51 4.76 -0.53
CA ARG B 74 -17.01 6.11 -0.64
C ARG B 74 -17.23 6.39 -2.11
N TYR B 75 -18.50 6.53 -2.49
CA TYR B 75 -18.84 7.08 -3.79
C TYR B 75 -19.06 8.59 -3.67
N PRO B 76 -18.29 9.39 -4.44
CA PRO B 76 -18.57 10.84 -4.48
C PRO B 76 -20.01 11.16 -4.89
N ASP B 77 -20.56 12.24 -4.37
CA ASP B 77 -21.94 12.63 -4.68
C ASP B 77 -22.25 12.53 -6.16
N HIS B 78 -21.35 13.01 -7.02
CA HIS B 78 -21.63 12.97 -8.46
C HIS B 78 -21.67 11.56 -9.04
N MET B 79 -21.49 10.55 -8.20
CA MET B 79 -21.48 9.14 -8.60
C MET B 79 -22.37 8.23 -7.76
N LYS B 80 -23.26 8.78 -6.94
CA LYS B 80 -24.10 7.95 -6.07
C LYS B 80 -24.89 7.00 -6.94
N GLN B 81 -25.24 7.48 -8.13
CA GLN B 81 -26.03 6.72 -9.09
C GLN B 81 -25.34 5.48 -9.67
N HIS B 82 -24.04 5.29 -9.39
CA HIS B 82 -23.32 4.14 -9.91
C HIS B 82 -22.94 3.10 -8.84
N ASP B 83 -23.48 3.26 -7.64
CA ASP B 83 -23.14 2.37 -6.52
C ASP B 83 -24.07 1.16 -6.45
N PHE B 84 -23.71 0.14 -7.21
CA PHE B 84 -24.45 -1.10 -7.16
C PHE B 84 -24.41 -1.66 -5.73
N PHE B 85 -23.22 -1.80 -5.19
CA PHE B 85 -23.02 -2.49 -3.91
C PHE B 85 -24.07 -2.17 -2.88
N LYS B 86 -24.21 -0.87 -2.64
CA LYS B 86 -25.12 -0.38 -1.64
C LYS B 86 -26.57 -0.56 -2.09
N SER B 87 -26.85 -0.36 -3.37
CA SER B 87 -28.26 -0.38 -3.83
C SER B 87 -28.91 -1.77 -3.72
N ALA B 88 -28.13 -2.83 -3.68
CA ALA B 88 -28.67 -4.19 -3.48
C ALA B 88 -28.97 -4.54 -2.02
N MET B 89 -28.55 -3.67 -1.12
CA MET B 89 -28.72 -3.92 0.29
C MET B 89 -30.13 -3.51 0.73
N PRO B 90 -30.64 -4.13 1.79
CA PRO B 90 -30.03 -5.11 2.69
C PRO B 90 -30.17 -6.57 2.30
N GLU B 91 -30.99 -6.90 1.31
CA GLU B 91 -31.04 -8.28 0.84
C GLU B 91 -29.64 -8.68 0.39
N GLY B 92 -28.91 -7.76 -0.23
CA GLY B 92 -27.48 -7.92 -0.47
C GLY B 92 -27.13 -8.53 -1.81
N TYR B 93 -25.95 -9.16 -1.92
CA TYR B 93 -25.51 -9.72 -3.17
C TYR B 93 -24.61 -10.93 -3.01
N VAL B 94 -24.57 -11.71 -4.08
CA VAL B 94 -23.61 -12.79 -4.27
C VAL B 94 -22.38 -12.20 -4.97
N GLN B 95 -21.19 -12.42 -4.41
CA GLN B 95 -19.92 -12.02 -5.03
C GLN B 95 -19.19 -13.30 -5.32
N GLU B 96 -18.89 -13.53 -6.59
CA GLU B 96 -18.14 -14.70 -7.02
C GLU B 96 -16.86 -14.23 -7.66
N ARG B 97 -15.79 -14.99 -7.47
CA ARG B 97 -14.51 -14.64 -8.01
C ARG B 97 -13.75 -15.87 -8.39
N THR B 98 -12.95 -15.75 -9.43
CA THR B 98 -11.84 -16.65 -9.64
C THR B 98 -10.59 -15.78 -9.59
N ILE B 99 -9.59 -16.26 -8.87
CA ILE B 99 -8.36 -15.53 -8.70
C ILE B 99 -7.22 -16.39 -9.20
N PHE B 100 -6.62 -16.00 -10.31
CA PHE B 100 -5.51 -16.76 -10.89
C PHE B 100 -4.16 -16.28 -10.40
N PHE B 101 -3.53 -17.05 -9.53
CA PHE B 101 -2.17 -16.77 -9.14
C PHE B 101 -1.21 -17.22 -10.23
N LYS B 102 -0.48 -16.26 -10.79
CA LYS B 102 0.36 -16.51 -11.93
C LYS B 102 1.39 -17.58 -11.63
N ASP B 103 1.46 -18.56 -12.53
CA ASP B 103 2.41 -19.68 -12.41
C ASP B 103 2.19 -20.44 -11.11
N ASP B 104 0.93 -20.47 -10.68
CA ASP B 104 0.55 -21.19 -9.49
C ASP B 104 -0.95 -21.45 -9.57
N GLY B 105 -1.56 -21.82 -8.46
CA GLY B 105 -2.97 -22.22 -8.45
C GLY B 105 -3.94 -21.06 -8.56
N ASN B 106 -5.19 -21.36 -8.24
CA ASN B 106 -6.25 -20.36 -8.22
C ASN B 106 -7.23 -20.59 -7.09
N TYR B 107 -7.85 -19.50 -6.64
CA TYR B 107 -8.97 -19.56 -5.71
C TYR B 107 -10.21 -19.40 -6.53
N LYS B 108 -11.27 -20.07 -6.11
CA LYS B 108 -12.61 -19.81 -6.62
C LYS B 108 -13.41 -19.49 -5.40
N THR B 109 -14.13 -18.37 -5.38
CA THR B 109 -14.88 -17.99 -4.19
C THR B 109 -16.32 -17.70 -4.49
N ARG B 110 -17.19 -18.01 -3.52
CA ARG B 110 -18.61 -17.68 -3.60
C ARG B 110 -18.98 -17.09 -2.26
N ALA B 111 -19.37 -15.83 -2.25
CA ALA B 111 -19.72 -15.20 -1.00
C ALA B 111 -21.09 -14.57 -1.08
N GLU B 112 -21.76 -14.54 0.06
CA GLU B 112 -22.96 -13.77 0.16
C GLU B 112 -22.65 -12.66 1.13
N VAL B 113 -22.93 -11.44 0.72
CA VAL B 113 -22.75 -10.28 1.59
C VAL B 113 -24.09 -9.56 1.65
N LYS B 114 -24.53 -9.30 2.87
CA LYS B 114 -25.92 -8.92 3.12
C LYS B 114 -26.06 -8.57 4.59
N PHE B 115 -27.16 -7.90 4.93
CA PHE B 115 -27.44 -7.61 6.33
C PHE B 115 -28.11 -8.78 7.03
N GLU B 116 -27.75 -8.92 8.29
CA GLU B 116 -28.38 -9.82 9.20
C GLU B 116 -28.57 -8.93 10.40
N GLY B 117 -29.77 -8.38 10.49
CA GLY B 117 -30.11 -7.38 11.50
C GLY B 117 -29.39 -6.06 11.26
N ASP B 118 -28.69 -5.60 12.29
CA ASP B 118 -27.91 -4.39 12.22
C ASP B 118 -26.47 -4.66 11.71
N THR B 119 -26.13 -5.93 11.47
CA THR B 119 -24.76 -6.28 11.10
C THR B 119 -24.61 -6.69 9.62
N LEU B 120 -23.52 -6.21 9.00
CA LEU B 120 -23.17 -6.53 7.60
C LEU B 120 -22.28 -7.76 7.53
N VAL B 121 -22.71 -8.79 6.82
CA VAL B 121 -22.02 -10.07 6.87
C VAL B 121 -21.49 -10.53 5.52
N ASN B 122 -20.24 -11.01 5.52
CA ASN B 122 -19.61 -11.63 4.38
C ASN B 122 -19.37 -13.10 4.76
N ARG B 123 -20.17 -14.00 4.17
CA ARG B 123 -20.05 -15.46 4.36
C ARG B 123 -19.46 -15.99 3.09
N ILE B 124 -18.34 -16.69 3.20
CA ILE B 124 -17.61 -17.08 2.04
C ILE B 124 -17.31 -18.56 2.05
N GLU B 125 -17.36 -19.15 0.87
CA GLU B 125 -16.72 -20.44 0.67
C GLU B 125 -15.68 -20.34 -0.46
N LEU B 126 -14.54 -20.96 -0.22
CA LEU B 126 -13.37 -20.77 -1.03
C LEU B 126 -12.69 -22.11 -1.35
N LYS B 127 -12.41 -22.34 -2.63
CA LYS B 127 -11.76 -23.57 -3.08
C LYS B 127 -10.54 -23.18 -3.85
N GLY B 128 -9.39 -23.72 -3.45
CA GLY B 128 -8.18 -23.50 -4.18
C GLY B 128 -7.67 -24.81 -4.71
N ILE B 129 -7.12 -24.81 -5.93
CA ILE B 129 -6.55 -25.99 -6.53
C ILE B 129 -5.35 -25.69 -7.41
N ASP B 130 -4.62 -26.73 -7.78
CA ASP B 130 -3.44 -26.62 -8.65
C ASP B 130 -2.26 -25.81 -8.07
N PHE B 131 -2.16 -25.72 -6.74
CA PHE B 131 -1.09 -24.92 -6.15
C PHE B 131 0.17 -25.74 -5.98
N LYS B 132 1.30 -25.09 -6.24
CA LYS B 132 2.60 -25.74 -6.07
C LYS B 132 2.96 -25.80 -4.61
N GLU B 133 3.69 -26.84 -4.22
CA GLU B 133 3.93 -27.13 -2.82
C GLU B 133 4.98 -26.22 -2.18
N ASP B 134 5.99 -25.86 -2.96
CA ASP B 134 6.90 -24.79 -2.56
C ASP B 134 6.79 -23.61 -3.55
N GLY B 135 5.57 -23.28 -3.96
CA GLY B 135 5.26 -22.04 -4.66
C GLY B 135 5.10 -20.89 -3.67
N ASN B 136 4.86 -19.68 -4.18
CA ASN B 136 4.81 -18.52 -3.30
C ASN B 136 3.70 -18.62 -2.25
N ILE B 137 2.60 -19.28 -2.60
CA ILE B 137 1.48 -19.37 -1.66
C ILE B 137 1.69 -20.47 -0.62
N LEU B 138 1.74 -21.73 -1.03
CA LEU B 138 1.94 -22.82 -0.05
C LEU B 138 3.32 -22.82 0.59
N GLY B 139 4.32 -22.24 -0.10
CA GLY B 139 5.66 -22.03 0.45
C GLY B 139 5.80 -20.87 1.44
N HIS B 140 4.73 -20.10 1.63
CA HIS B 140 4.68 -19.00 2.61
C HIS B 140 5.74 -17.92 2.35
N LYS B 141 5.83 -17.49 1.10
CA LYS B 141 6.89 -16.59 0.62
C LYS B 141 6.42 -15.16 0.36
N LEU B 142 5.19 -14.84 0.73
CA LEU B 142 4.69 -13.48 0.60
C LEU B 142 5.04 -12.65 1.83
N GLU B 143 5.47 -11.41 1.60
CA GLU B 143 5.63 -10.42 2.67
C GLU B 143 4.29 -10.05 3.24
N TYR B 144 4.26 -9.69 4.51
CA TYR B 144 2.99 -9.34 5.16
C TYR B 144 2.66 -7.85 4.97
N ASN B 145 2.12 -7.53 3.79
CA ASN B 145 1.80 -6.15 3.41
C ASN B 145 0.89 -6.12 2.18
N TYR B 146 0.58 -4.93 1.67
CA TYR B 146 -0.37 -4.82 0.56
C TYR B 146 -0.17 -3.50 -0.16
N ASN B 147 -0.65 -3.37 -1.38
CA ASN B 147 -0.45 -2.15 -2.15
C ASN B 147 -1.74 -1.60 -2.71
N SER B 148 -1.66 -0.46 -3.37
CA SER B 148 -2.81 0.16 -4.04
C SER B 148 -3.24 -0.62 -5.30
N HIS B 149 -4.54 -0.60 -5.59
CA HIS B 149 -5.03 -1.12 -6.85
C HIS B 149 -6.26 -0.37 -7.30
N ASN B 150 -6.54 -0.45 -8.58
CA ASN B 150 -7.71 0.17 -9.18
C ASN B 150 -8.65 -0.91 -9.70
N VAL B 151 -9.81 -1.00 -9.06
CA VAL B 151 -10.76 -2.05 -9.34
C VAL B 151 -11.73 -1.54 -10.40
N TYR B 152 -11.63 -2.10 -11.61
CA TYR B 152 -12.43 -1.65 -12.71
C TYR B 152 -13.77 -2.31 -12.66
N ILE B 153 -14.84 -1.53 -12.84
CA ILE B 153 -16.19 -2.06 -12.72
C ILE B 153 -17.04 -1.80 -13.95
N MET B 154 -17.74 -2.85 -14.38
CA MET B 154 -18.53 -2.85 -15.60
C MET B 154 -19.92 -3.42 -15.30
N ALA B 155 -20.95 -2.86 -15.94
CA ALA B 155 -22.30 -3.41 -15.85
C ALA B 155 -22.37 -4.69 -16.66
N ASP B 156 -23.10 -5.67 -16.13
CA ASP B 156 -23.51 -6.83 -16.91
C ASP B 156 -25.01 -6.74 -16.95
N LYS B 157 -25.46 -5.97 -17.92
CA LYS B 157 -26.89 -5.62 -18.13
C LYS B 157 -27.78 -6.85 -18.28
N GLN B 158 -27.24 -7.86 -18.97
CA GLN B 158 -27.93 -9.11 -19.31
C GLN B 158 -27.96 -10.10 -18.15
N LYS B 159 -27.21 -9.82 -17.09
CA LYS B 159 -27.44 -10.42 -15.80
C LYS B 159 -28.08 -9.21 -15.20
N ASN B 160 -28.11 -9.04 -13.90
CA ASN B 160 -28.51 -7.75 -13.44
C ASN B 160 -27.51 -7.30 -12.40
N GLY B 161 -26.23 -7.38 -12.76
CA GLY B 161 -25.18 -7.04 -11.82
C GLY B 161 -23.98 -6.44 -12.51
N ILE B 162 -22.79 -6.80 -11.99
CA ILE B 162 -21.54 -6.24 -12.46
C ILE B 162 -20.49 -7.31 -12.68
N LYS B 163 -19.61 -7.03 -13.64
CA LYS B 163 -18.39 -7.79 -13.85
C LYS B 163 -17.28 -6.86 -13.40
N VAL B 164 -16.29 -7.41 -12.72
CA VAL B 164 -15.28 -6.61 -12.08
C VAL B 164 -13.90 -7.23 -12.33
N ASN B 165 -12.91 -6.40 -12.64
CA ASN B 165 -11.55 -6.89 -12.91
C ASN B 165 -10.42 -6.04 -12.33
N PHE B 166 -9.41 -6.72 -11.82
CA PHE B 166 -8.19 -6.07 -11.38
C PHE B 166 -7.07 -7.07 -11.15
N LYS B 167 -5.86 -6.54 -10.95
CA LYS B 167 -4.67 -7.37 -10.76
C LYS B 167 -3.93 -6.97 -9.51
N ILE B 168 -3.95 -7.84 -8.52
CA ILE B 168 -3.25 -7.60 -7.24
C ILE B 168 -1.75 -7.89 -7.35
N ARG B 169 -0.95 -7.08 -6.67
CA ARG B 169 0.51 -7.18 -6.66
C ARG B 169 0.86 -7.57 -5.23
N HIS B 170 1.25 -8.82 -5.04
CA HIS B 170 1.68 -9.34 -3.75
C HIS B 170 3.20 -9.34 -3.77
N ASN B 171 3.82 -8.58 -2.87
CA ASN B 171 5.29 -8.53 -2.80
C ASN B 171 5.87 -9.76 -2.15
N ILE B 172 6.96 -10.24 -2.72
CA ILE B 172 7.60 -11.46 -2.31
C ILE B 172 8.88 -11.12 -1.55
N GLU B 173 9.14 -11.92 -0.52
CA GLU B 173 10.27 -11.68 0.37
C GLU B 173 11.64 -11.60 -0.31
N ASP B 174 11.77 -12.10 -1.55
CA ASP B 174 13.00 -11.93 -2.35
C ASP B 174 12.92 -10.74 -3.30
N GLY B 175 11.98 -9.84 -3.04
CA GLY B 175 11.82 -8.62 -3.82
C GLY B 175 11.13 -8.75 -5.16
N SER B 176 10.73 -9.96 -5.55
CA SER B 176 9.93 -10.14 -6.75
C SER B 176 8.47 -9.92 -6.40
N VAL B 177 7.61 -9.99 -7.42
CA VAL B 177 6.19 -9.81 -7.22
C VAL B 177 5.42 -10.99 -7.77
N GLN B 178 4.46 -11.45 -6.99
CA GLN B 178 3.46 -12.46 -7.39
C GLN B 178 2.16 -11.77 -7.77
N LEU B 179 1.74 -11.92 -9.02
CA LEU B 179 0.53 -11.28 -9.50
C LEU B 179 -0.64 -12.20 -9.30
N ALA B 180 -1.83 -11.62 -9.20
CA ALA B 180 -3.04 -12.37 -9.01
C ALA B 180 -4.18 -11.71 -9.73
N ASP B 181 -4.61 -12.31 -10.85
CA ASP B 181 -5.68 -11.73 -11.64
C ASP B 181 -7.04 -12.08 -11.04
N HIS B 182 -7.90 -11.07 -10.89
CA HIS B 182 -9.21 -11.24 -10.28
C HIS B 182 -10.29 -11.11 -11.32
N TYR B 183 -11.14 -12.13 -11.38
CA TYR B 183 -12.33 -12.09 -12.22
C TYR B 183 -13.52 -12.20 -11.29
N GLN B 184 -14.37 -11.20 -11.32
CA GLN B 184 -15.36 -11.06 -10.30
C GLN B 184 -16.70 -10.69 -10.90
N GLN B 185 -17.76 -11.28 -10.35
CA GLN B 185 -19.14 -10.92 -10.67
C GLN B 185 -19.95 -10.74 -9.39
N ASN B 186 -20.77 -9.70 -9.38
CA ASN B 186 -21.69 -9.52 -8.30
C ASN B 186 -23.09 -9.46 -8.85
N THR B 187 -23.99 -10.18 -8.20
CA THR B 187 -25.35 -10.19 -8.65
C THR B 187 -26.29 -10.14 -7.42
N PRO B 188 -27.42 -9.42 -7.56
CA PRO B 188 -28.29 -9.14 -6.42
C PRO B 188 -28.99 -10.39 -5.91
N ILE B 189 -29.28 -10.42 -4.61
CA ILE B 189 -29.97 -11.54 -3.97
C ILE B 189 -31.50 -11.35 -4.03
N GLY B 190 -31.95 -10.11 -3.79
CA GLY B 190 -33.36 -9.79 -3.86
C GLY B 190 -33.82 -9.53 -5.29
N ASP B 191 -35.12 -9.49 -5.53
CA ASP B 191 -35.57 -9.11 -6.91
C ASP B 191 -36.04 -7.65 -7.02
N GLY B 192 -35.72 -6.85 -6.01
CA GLY B 192 -35.81 -5.40 -6.13
C GLY B 192 -34.91 -4.90 -7.24
N PRO B 193 -35.18 -3.69 -7.76
CA PRO B 193 -34.27 -3.16 -8.79
C PRO B 193 -32.94 -2.65 -8.17
N VAL B 194 -31.89 -2.54 -8.99
CA VAL B 194 -30.55 -2.08 -8.57
C VAL B 194 -29.87 -1.15 -9.57
N LEU B 195 -28.88 -0.41 -9.10
CA LEU B 195 -28.12 0.46 -9.95
C LEU B 195 -27.25 -0.33 -10.94
N LEU B 196 -27.45 -0.12 -12.23
CA LEU B 196 -26.51 -0.59 -13.20
C LEU B 196 -25.61 0.56 -13.62
N PRO B 197 -24.34 0.49 -13.21
CA PRO B 197 -23.43 1.61 -13.35
C PRO B 197 -22.82 1.76 -14.72
N ASP B 198 -22.25 2.94 -15.00
CA ASP B 198 -21.36 3.10 -16.13
C ASP B 198 -20.04 2.60 -15.64
N ASN B 199 -19.14 2.27 -16.56
CA ASN B 199 -17.85 1.76 -16.21
C ASN B 199 -17.14 2.77 -15.35
N HIS B 200 -16.52 2.31 -14.26
CA HIS B 200 -15.77 3.18 -13.36
C HIS B 200 -14.77 2.36 -12.58
N TYR B 201 -14.04 3.01 -11.67
CA TYR B 201 -13.01 2.35 -10.91
C TYR B 201 -13.24 2.59 -9.45
N LEU B 202 -12.76 1.67 -8.63
CA LEU B 202 -12.62 1.90 -7.22
C LEU B 202 -11.13 1.94 -6.94
N SER B 203 -10.66 3.05 -6.39
CA SER B 203 -9.29 3.20 -5.97
C SER B 203 -9.16 2.63 -4.57
N THR B 204 -8.53 1.47 -4.45
CA THR B 204 -8.39 0.87 -3.13
C THR B 204 -6.95 0.90 -2.65
N GLN B 205 -6.82 1.04 -1.33
CA GLN B 205 -5.54 1.05 -0.62
C GLN B 205 -5.69 0.33 0.70
N SER B 206 -4.66 -0.43 1.09
CA SER B 206 -4.76 -1.30 2.23
C SER B 206 -3.51 -1.35 3.06
N ALA B 207 -3.65 -1.73 4.33
CA ALA B 207 -2.52 -1.95 5.20
C ALA B 207 -2.85 -3.09 6.11
N LEU B 208 -1.98 -4.06 6.21
CA LEU B 208 -2.15 -5.18 7.13
C LEU B 208 -1.28 -4.97 8.34
N SER B 209 -1.84 -5.06 9.53
CA SER B 209 -0.98 -4.99 10.70
C SER B 209 -1.35 -6.08 11.67
N LYS B 210 -0.87 -5.92 12.89
CA LYS B 210 -1.01 -6.91 13.91
C LYS B 210 -1.22 -6.29 15.26
N ASP B 211 -2.26 -6.75 15.93
CA ASP B 211 -2.45 -6.49 17.36
C ASP B 211 -1.34 -7.18 18.14
N PRO B 212 -0.49 -6.40 18.83
CA PRO B 212 0.69 -6.99 19.50
C PRO B 212 0.31 -7.83 20.71
N ASN B 213 -0.85 -7.56 21.29
CA ASN B 213 -1.41 -8.40 22.35
C ASN B 213 -2.28 -9.55 21.85
N GLU B 214 -1.93 -10.16 20.71
CA GLU B 214 -2.69 -11.28 20.19
C GLU B 214 -1.69 -12.35 19.86
N LYS B 215 -1.80 -13.48 20.55
CA LYS B 215 -0.89 -14.59 20.32
C LYS B 215 -1.39 -15.47 19.22
N ARG B 216 -2.69 -15.47 18.97
CA ARG B 216 -3.19 -16.29 17.90
C ARG B 216 -2.74 -15.75 16.57
N ASP B 217 -2.79 -16.61 15.57
CA ASP B 217 -2.39 -16.24 14.24
C ASP B 217 -3.59 -15.48 13.68
N HIS B 218 -3.34 -14.24 13.27
CA HIS B 218 -4.41 -13.33 12.95
C HIS B 218 -3.95 -12.32 11.92
N MET B 219 -4.86 -11.46 11.47
CA MET B 219 -4.50 -10.35 10.62
C MET B 219 -5.42 -9.20 10.98
N VAL B 220 -4.87 -7.99 10.98
CA VAL B 220 -5.69 -6.81 11.09
C VAL B 220 -5.61 -6.14 9.74
N LEU B 221 -6.75 -5.92 9.12
CA LEU B 221 -6.80 -5.31 7.81
C LEU B 221 -7.46 -3.97 7.89
N LEU B 222 -6.80 -2.98 7.30
CA LEU B 222 -7.34 -1.63 7.14
C LEU B 222 -7.44 -1.36 5.66
N GLU B 223 -8.58 -0.86 5.21
CA GLU B 223 -8.84 -0.71 3.81
C GLU B 223 -9.53 0.61 3.52
N PHE B 224 -9.02 1.34 2.54
CA PHE B 224 -9.56 2.65 2.17
C PHE B 224 -9.97 2.63 0.70
N VAL B 225 -11.28 2.66 0.45
CA VAL B 225 -11.78 2.50 -0.91
C VAL B 225 -12.59 3.71 -1.32
N THR B 226 -12.30 4.26 -2.49
CA THR B 226 -13.12 5.34 -2.97
C THR B 226 -13.18 5.36 -4.51
N ALA B 227 -14.31 5.82 -5.03
CA ALA B 227 -14.72 5.59 -6.41
C ALA B 227 -14.33 6.74 -7.34
N ALA B 228 -14.04 6.40 -8.60
CA ALA B 228 -13.65 7.37 -9.63
C ALA B 228 -13.86 6.86 -11.09
N GLY B 229 -13.41 7.66 -12.07
CA GLY B 229 -13.19 7.18 -13.46
C GLY B 229 -14.27 7.52 -14.48
N SER B 233 -10.31 9.34 -15.94
CA SER B 233 -9.10 9.78 -16.65
C SER B 233 -9.45 10.19 -18.08
N ASP B 234 -8.62 11.05 -18.68
CA ASP B 234 -8.87 11.58 -20.04
C ASP B 234 -7.67 11.80 -20.99
N VAL B 235 -6.46 11.35 -20.61
CA VAL B 235 -5.40 11.02 -21.58
C VAL B 235 -5.07 9.51 -21.69
N HIS B 236 -4.14 8.97 -20.90
CA HIS B 236 -3.57 7.62 -21.17
C HIS B 236 -4.35 6.71 -20.23
N LYS B 237 -4.83 5.57 -20.76
CA LYS B 237 -5.64 4.61 -20.01
C LYS B 237 -5.01 3.24 -20.16
N LYS B 238 -4.92 2.50 -19.06
CA LYS B 238 -4.33 1.14 -19.05
C LYS B 238 -5.37 0.06 -18.74
N CYS B 239 -5.16 -1.14 -19.30
CA CYS B 239 -5.99 -2.26 -18.99
C CYS B 239 -5.79 -2.77 -17.56
N PRO B 240 -6.89 -3.08 -16.88
CA PRO B 240 -6.87 -3.64 -15.52
C PRO B 240 -6.10 -4.92 -15.38
N LEU B 241 -6.13 -5.77 -16.39
CA LEU B 241 -5.56 -7.12 -16.30
C LEU B 241 -4.20 -7.25 -16.88
N CYS B 242 -4.00 -6.73 -18.08
CA CYS B 242 -2.74 -6.87 -18.75
C CYS B 242 -2.21 -5.48 -18.75
N GLU B 243 -1.03 -5.29 -19.32
CA GLU B 243 -0.38 -4.01 -19.19
C GLU B 243 -0.56 -3.15 -20.45
N LEU B 244 -1.36 -3.65 -21.38
CA LEU B 244 -1.68 -2.99 -22.63
C LEU B 244 -2.06 -1.56 -22.42
N MET B 245 -1.39 -0.65 -23.12
CA MET B 245 -1.57 0.78 -22.93
C MET B 245 -2.19 1.47 -24.13
N PHE B 246 -3.23 2.22 -23.88
CA PHE B 246 -4.03 2.76 -24.93
C PHE B 246 -3.63 4.21 -25.11
N PRO B 247 -3.54 4.68 -26.38
CA PRO B 247 -3.17 6.06 -26.64
C PRO B 247 -4.22 7.04 -26.18
N PRO B 248 -3.86 8.33 -26.13
CA PRO B 248 -4.73 9.31 -25.50
C PRO B 248 -6.04 9.37 -26.23
N ASN B 249 -7.12 9.49 -25.45
CA ASN B 249 -8.46 9.65 -25.98
C ASN B 249 -8.94 8.74 -27.13
N TYR B 250 -9.27 7.51 -26.73
CA TYR B 250 -9.32 6.34 -27.58
C TYR B 250 -10.69 5.75 -27.31
N ASP B 251 -11.37 5.25 -28.35
CA ASP B 251 -12.79 4.91 -28.22
C ASP B 251 -13.04 4.05 -26.97
N GLN B 252 -13.75 4.60 -25.98
CA GLN B 252 -13.89 3.91 -24.68
C GLN B 252 -14.70 2.63 -24.73
N SER B 253 -15.52 2.46 -25.77
CA SER B 253 -16.26 1.21 -25.97
C SER B 253 -15.31 0.11 -26.41
N LYS B 254 -14.26 0.48 -27.13
CA LYS B 254 -13.26 -0.50 -27.59
C LYS B 254 -12.29 -0.90 -26.48
N PHE B 255 -12.07 0.01 -25.54
CA PHE B 255 -11.38 -0.31 -24.29
C PHE B 255 -12.18 -1.36 -23.54
N GLU B 256 -13.45 -1.07 -23.35
CA GLU B 256 -14.35 -2.03 -22.76
C GLU B 256 -14.27 -3.36 -23.51
N GLU B 257 -14.42 -3.32 -24.84
CA GLU B 257 -14.34 -4.52 -25.66
C GLU B 257 -13.08 -5.27 -25.28
N HIS B 258 -11.97 -4.55 -25.20
CA HIS B 258 -10.71 -5.19 -24.90
C HIS B 258 -10.73 -5.92 -23.55
N VAL B 259 -11.29 -5.28 -22.53
CA VAL B 259 -11.34 -5.90 -21.22
C VAL B 259 -12.16 -7.19 -21.24
N GLU B 260 -13.37 -7.09 -21.82
CA GLU B 260 -14.25 -8.27 -22.00
C GLU B 260 -13.50 -9.46 -22.63
N SER B 261 -12.70 -9.14 -23.64
CA SER B 261 -11.90 -10.12 -24.34
C SER B 261 -11.00 -10.95 -23.44
N HIS B 262 -10.68 -10.49 -22.23
CA HIS B 262 -9.89 -11.33 -21.30
C HIS B 262 -10.71 -12.45 -20.72
N TRP B 263 -12.02 -12.21 -20.62
CA TRP B 263 -12.93 -13.20 -20.09
C TRP B 263 -13.01 -14.26 -21.16
N LYS B 264 -13.43 -15.48 -20.80
CA LYS B 264 -13.79 -16.49 -21.79
C LYS B 264 -15.17 -16.10 -22.33
N VAL B 265 -15.28 -15.92 -23.64
CA VAL B 265 -16.52 -15.42 -24.27
C VAL B 265 -17.22 -16.45 -25.16
N CYS B 266 -18.51 -16.60 -24.92
CA CYS B 266 -19.31 -17.50 -25.70
C CYS B 266 -19.48 -16.92 -27.11
N PRO B 267 -19.16 -17.71 -28.14
CA PRO B 267 -19.25 -17.16 -29.49
C PRO B 267 -20.66 -16.85 -29.96
N MET B 268 -21.68 -17.38 -29.27
CA MET B 268 -23.09 -17.08 -29.60
C MET B 268 -23.56 -15.79 -28.93
N CYS B 269 -23.89 -15.87 -27.64
CA CYS B 269 -24.53 -14.76 -26.93
C CYS B 269 -23.51 -13.84 -26.27
N SER B 270 -22.23 -14.18 -26.43
CA SER B 270 -21.11 -13.39 -25.88
C SER B 270 -21.09 -13.26 -24.34
N GLU B 271 -21.78 -14.16 -23.63
CA GLU B 271 -21.69 -14.20 -22.17
C GLU B 271 -20.27 -14.56 -21.74
N GLN B 272 -19.85 -13.97 -20.64
CA GLN B 272 -18.48 -14.09 -20.18
C GLN B 272 -18.34 -15.08 -19.02
N PHE B 273 -17.21 -15.79 -19.02
CA PHE B 273 -16.84 -16.69 -17.94
C PHE B 273 -15.37 -16.53 -17.56
N PRO B 274 -15.03 -16.86 -16.32
CA PRO B 274 -13.62 -16.87 -15.95
C PRO B 274 -12.85 -17.76 -16.92
N PRO B 275 -11.66 -17.33 -17.32
CA PRO B 275 -10.87 -18.09 -18.28
C PRO B 275 -10.15 -19.27 -17.60
N ASP B 276 -10.93 -20.18 -17.03
CA ASP B 276 -10.37 -21.36 -16.35
C ASP B 276 -9.64 -22.33 -17.28
N TYR B 277 -8.63 -23.02 -16.74
CA TYR B 277 -8.06 -24.23 -17.36
C TYR B 277 -9.19 -25.27 -17.58
N ASP B 278 -10.04 -25.44 -16.57
CA ASP B 278 -11.16 -26.38 -16.60
C ASP B 278 -12.31 -25.76 -17.42
N GLN B 279 -12.33 -26.09 -18.72
CA GLN B 279 -13.39 -25.66 -19.65
C GLN B 279 -14.73 -26.31 -19.39
N GLN B 280 -14.78 -27.32 -18.52
CA GLN B 280 -15.99 -28.13 -18.26
C GLN B 280 -17.26 -27.27 -18.11
N VAL B 281 -17.19 -26.24 -17.26
CA VAL B 281 -18.33 -25.33 -17.01
C VAL B 281 -18.68 -24.43 -18.21
N PHE B 282 -17.65 -23.95 -18.90
CA PHE B 282 -17.86 -23.16 -20.12
C PHE B 282 -18.48 -24.02 -21.22
N GLU B 283 -18.03 -25.26 -21.33
CA GLU B 283 -18.55 -26.23 -22.29
C GLU B 283 -20.02 -26.54 -22.04
N ARG B 284 -20.44 -26.60 -20.78
CA ARG B 284 -21.86 -26.78 -20.47
C ARG B 284 -22.67 -25.61 -21.03
N HIS B 285 -22.16 -24.38 -20.90
CA HIS B 285 -22.90 -23.23 -21.40
C HIS B 285 -23.08 -23.20 -22.93
N VAL B 286 -22.04 -23.54 -23.67
CA VAL B 286 -22.10 -23.50 -25.13
C VAL B 286 -23.09 -24.51 -25.71
N GLN B 287 -23.31 -25.61 -25.01
CA GLN B 287 -24.29 -26.60 -25.43
C GLN B 287 -25.74 -26.15 -25.20
N THR B 288 -25.91 -25.15 -24.35
CA THR B 288 -27.23 -24.50 -24.19
C THR B 288 -27.80 -23.90 -25.49
N HIS B 289 -26.93 -23.60 -26.45
CA HIS B 289 -27.33 -22.99 -27.75
C HIS B 289 -27.59 -23.96 -28.89
N PHE B 290 -26.77 -24.98 -28.99
CA PHE B 290 -26.95 -25.98 -30.04
C PHE B 290 -28.11 -26.92 -29.68
#